data_5VUG
#
_entry.id   5VUG
#
_cell.length_a   112.269
_cell.length_b   43.878
_cell.length_c   68.611
_cell.angle_alpha   90.00
_cell.angle_beta   90.00
_cell.angle_gamma   90.00
#
_symmetry.space_group_name_H-M   'P 21 21 2'
#
loop_
_entity.id
_entity.type
_entity.pdbx_description
1 polymer 'Uncharacterized protein Rv2277c'
2 non-polymer 'CALCIUM ION'
3 non-polymer GLYCEROL
4 water water
#
_entity_poly.entity_id   1
_entity_poly.type   'polypeptide(L)'
_entity_poly.pdbx_seq_one_letter_code
;SNAPLGQTDDP(MSE)IVAHRAGTRDFPENTVLAITNAVAAGVDG(MSE)WLTVQVSSDGVPVLYRPSDLATLTDGAGPV
NSKTVQQLQQLNAGWNFTTPGVEGHPYRQRATPIPTLEQAIGATPPD(MSE)TLFLDLKQTPPQPLVSAVAQVLTRTGAA
GRSIVYSTNADITAAASRQEGLQVAESRDVTRQRLFN(MSE)ALNHHCDPQPDPGKWAGFELHRDVTVTEEFTLGSGISA
VNAELWDEASVDCFRSQSG(MSE)KV(MSE)GFAVKTVDDYRLAHKIGLDAVLVDSPLAAQQWRH
;
_entity_poly.pdbx_strand_id   A
#
loop_
_chem_comp.id
_chem_comp.type
_chem_comp.name
_chem_comp.formula
CA non-polymer 'CALCIUM ION' 'Ca 2'
GOL non-polymer GLYCEROL 'C3 H8 O3'
#
# COMPACT_ATOMS: atom_id res chain seq x y z
N ASP A 9 19.94 -2.68 11.11
CA ASP A 9 19.80 -1.59 10.15
C ASP A 9 18.43 -0.93 10.28
N ASP A 10 18.11 -0.03 9.35
CA ASP A 10 16.87 0.70 9.40
C ASP A 10 15.80 0.04 8.53
N PRO A 11 14.53 0.11 8.93
CA PRO A 11 13.46 -0.32 8.02
C PRO A 11 13.45 0.52 6.76
N MSE A 12 13.08 -0.10 5.64
CA MSE A 12 12.83 0.64 4.41
C MSE A 12 11.72 1.66 4.62
O MSE A 12 10.69 1.33 5.22
CB MSE A 12 12.38 -0.31 3.29
CG MSE A 12 13.47 -1.19 2.72
SE MSE A 12 12.64 -2.66 1.75
CE MSE A 12 11.50 -1.61 0.54
N ILE A 13 11.91 2.86 4.10
CA ILE A 13 10.85 3.88 4.12
C ILE A 13 10.06 3.77 2.83
N VAL A 14 8.78 3.42 2.94
CA VAL A 14 7.91 3.22 1.77
C VAL A 14 6.87 4.33 1.74
N ALA A 15 6.79 5.07 0.63
CA ALA A 15 5.88 6.21 0.53
C ALA A 15 4.45 5.73 0.25
N HIS A 16 3.56 5.93 1.23
CA HIS A 16 2.19 5.45 1.12
C HIS A 16 1.38 6.30 0.14
N ARG A 17 0.89 5.69 -0.94
CA ARG A 17 0.23 6.41 -2.03
C ARG A 17 1.12 7.53 -2.57
N ALA A 18 2.42 7.24 -2.62
CA ALA A 18 3.45 8.19 -3.04
C ALA A 18 3.64 9.35 -2.06
N GLY A 19 3.14 9.20 -0.83
CA GLY A 19 3.35 10.20 0.20
C GLY A 19 2.21 11.19 0.35
N THR A 20 1.04 10.66 0.72
CA THR A 20 -0.23 11.39 0.66
C THR A 20 -0.25 12.67 1.50
N ARG A 21 0.55 12.74 2.57
CA ARG A 21 0.55 13.96 3.39
C ARG A 21 1.29 15.11 2.72
N ASP A 22 2.32 14.82 1.94
CA ASP A 22 3.21 15.84 1.42
C ASP A 22 2.72 16.47 0.12
N PHE A 23 2.16 15.67 -0.78
CA PHE A 23 1.75 16.09 -2.11
C PHE A 23 0.54 15.26 -2.51
N PRO A 24 -0.24 15.71 -3.53
CA PRO A 24 -1.42 14.93 -3.94
C PRO A 24 -1.11 13.46 -4.17
N GLU A 25 -1.83 12.59 -3.47
CA GLU A 25 -1.49 11.18 -3.48
C GLU A 25 -1.61 10.60 -4.89
N ASN A 26 -0.78 9.60 -5.18
CA ASN A 26 -0.90 8.86 -6.43
C ASN A 26 -0.74 9.75 -7.68
N THR A 27 0.11 10.77 -7.60
CA THR A 27 0.44 11.60 -8.77
C THR A 27 1.94 11.52 -9.04
N VAL A 28 2.32 11.86 -10.28
CA VAL A 28 3.75 11.90 -10.63
C VAL A 28 4.49 12.95 -9.80
N LEU A 29 3.85 14.10 -9.55
CA LEU A 29 4.47 15.10 -8.67
C LEU A 29 4.84 14.49 -7.33
N ALA A 30 3.90 13.74 -6.72
CA ALA A 30 4.19 13.12 -5.44
C ALA A 30 5.29 12.08 -5.55
N ILE A 31 5.24 11.23 -6.58
CA ILE A 31 6.26 10.20 -6.77
C ILE A 31 7.64 10.83 -6.88
N THR A 32 7.77 11.87 -7.73
CA THR A 32 9.07 12.49 -7.93
C THR A 32 9.59 13.09 -6.64
N ASN A 33 8.71 13.74 -5.88
CA ASN A 33 9.14 14.33 -4.62
C ASN A 33 9.49 13.27 -3.59
N ALA A 34 8.79 12.13 -3.60
CA ALA A 34 9.09 11.05 -2.68
C ALA A 34 10.47 10.45 -2.96
N VAL A 35 10.80 10.22 -4.24
CA VAL A 35 12.15 9.78 -4.60
C VAL A 35 13.18 10.78 -4.07
N ALA A 36 12.94 12.08 -4.30
CA ALA A 36 13.88 13.11 -3.87
C ALA A 36 14.04 13.14 -2.35
N ALA A 37 13.00 12.71 -1.61
CA ALA A 37 13.06 12.64 -0.15
C ALA A 37 13.73 11.36 0.35
N GLY A 38 14.26 10.52 -0.54
CA GLY A 38 15.07 9.40 -0.12
C GLY A 38 14.33 8.12 0.21
N VAL A 39 13.08 7.96 -0.21
CA VAL A 39 12.36 6.74 0.14
C VAL A 39 13.00 5.53 -0.54
N ASP A 40 12.76 4.36 0.07
CA ASP A 40 13.29 3.08 -0.40
C ASP A 40 12.25 2.26 -1.15
N GLY A 41 10.99 2.67 -1.13
CA GLY A 41 9.95 1.95 -1.84
C GLY A 41 8.80 2.88 -2.10
N MSE A 42 7.97 2.51 -3.07
CA MSE A 42 6.89 3.35 -3.56
C MSE A 42 5.59 2.53 -3.56
O MSE A 42 5.48 1.53 -4.27
CB MSE A 42 7.21 3.84 -4.98
CG MSE A 42 6.31 4.95 -5.51
SE MSE A 42 6.58 6.65 -4.57
CE MSE A 42 8.46 6.98 -5.01
N TRP A 43 4.62 2.94 -2.75
CA TRP A 43 3.34 2.24 -2.65
C TRP A 43 2.29 3.03 -3.43
N LEU A 44 1.68 2.40 -4.43
CA LEU A 44 0.79 3.09 -5.35
C LEU A 44 -0.53 2.32 -5.46
N THR A 45 -1.64 3.03 -5.57
CA THR A 45 -2.95 2.37 -5.67
C THR A 45 -3.38 2.37 -7.12
N VAL A 46 -3.77 1.20 -7.64
CA VAL A 46 -3.97 1.00 -9.07
C VAL A 46 -5.43 0.61 -9.36
N GLN A 47 -6.03 1.28 -10.34
CA GLN A 47 -7.34 0.93 -10.91
C GLN A 47 -7.19 0.93 -12.43
N VAL A 48 -8.23 0.56 -13.16
CA VAL A 48 -8.14 0.43 -14.61
C VAL A 48 -9.22 1.26 -15.30
N SER A 49 -8.84 1.95 -16.36
CA SER A 49 -9.77 2.74 -17.15
C SER A 49 -10.76 1.84 -17.89
N SER A 50 -11.83 2.47 -18.42
CA SER A 50 -12.79 1.70 -19.20
C SER A 50 -12.13 1.04 -20.40
N ASP A 51 -11.07 1.64 -20.96
CA ASP A 51 -10.36 1.07 -22.10
C ASP A 51 -9.09 0.33 -21.71
N GLY A 52 -9.01 -0.15 -20.47
CA GLY A 52 -8.02 -1.15 -20.12
C GLY A 52 -6.63 -0.66 -19.80
N VAL A 53 -6.47 0.60 -19.43
CA VAL A 53 -5.16 1.13 -19.07
C VAL A 53 -5.10 1.31 -17.56
N PRO A 54 -4.18 0.64 -16.87
CA PRO A 54 -4.04 0.87 -15.42
C PRO A 54 -3.62 2.31 -15.16
N VAL A 55 -4.29 2.93 -14.17
CA VAL A 55 -4.01 4.29 -13.71
C VAL A 55 -3.89 4.26 -12.20
N LEU A 56 -3.34 5.32 -11.63
CA LEU A 56 -3.19 5.44 -10.17
C LEU A 56 -4.36 6.21 -9.61
N TYR A 57 -5.15 5.57 -8.73
CA TYR A 57 -6.27 6.22 -8.08
C TYR A 57 -6.75 5.30 -6.95
N ARG A 58 -6.93 5.87 -5.75
CA ARG A 58 -7.29 5.07 -4.58
C ARG A 58 -8.80 5.03 -4.28
N PRO A 59 -9.51 6.16 -4.25
CA PRO A 59 -10.92 6.11 -3.85
C PRO A 59 -11.80 5.36 -4.84
N SER A 60 -12.99 4.99 -4.39
CA SER A 60 -13.90 4.30 -5.29
C SER A 60 -14.51 5.27 -6.31
N ASP A 61 -14.64 6.55 -5.97
CA ASP A 61 -15.21 7.54 -6.88
C ASP A 61 -14.22 8.66 -7.18
N LEU A 62 -14.22 9.10 -8.43
CA LEU A 62 -13.35 10.18 -8.86
C LEU A 62 -13.63 11.49 -8.14
N ALA A 63 -14.84 11.69 -7.60
CA ALA A 63 -15.13 12.96 -6.96
C ALA A 63 -14.32 13.18 -5.68
N THR A 64 -13.81 12.10 -5.06
CA THR A 64 -13.14 12.27 -3.78
C THR A 64 -11.89 13.13 -3.92
N LEU A 65 -11.15 12.98 -5.02
CA LEU A 65 -9.89 13.68 -5.18
C LEU A 65 -9.75 14.46 -6.48
N THR A 66 -10.76 14.47 -7.36
CA THR A 66 -10.64 15.12 -8.65
C THR A 66 -11.84 16.03 -8.91
N ASP A 67 -11.78 16.72 -10.05
CA ASP A 67 -12.89 17.54 -10.53
C ASP A 67 -13.90 16.75 -11.35
N GLY A 68 -13.74 15.43 -11.46
CA GLY A 68 -14.71 14.58 -12.12
C GLY A 68 -15.49 13.73 -11.13
N ALA A 69 -16.42 12.94 -11.67
CA ALA A 69 -17.29 12.10 -10.84
C ALA A 69 -17.48 10.74 -11.52
N GLY A 70 -17.63 9.71 -10.69
CA GLY A 70 -17.91 8.38 -11.18
C GLY A 70 -16.77 7.42 -10.91
N PRO A 71 -16.96 6.12 -11.14
CA PRO A 71 -15.88 5.16 -10.93
C PRO A 71 -14.80 5.32 -12.00
N VAL A 72 -13.58 4.90 -11.65
CA VAL A 72 -12.47 4.97 -12.60
C VAL A 72 -12.82 4.27 -13.91
N ASN A 73 -13.44 3.08 -13.84
CA ASN A 73 -13.73 2.34 -15.06
C ASN A 73 -14.94 2.89 -15.83
N SER A 74 -15.46 4.05 -15.43
CA SER A 74 -16.49 4.70 -16.23
C SER A 74 -15.92 5.69 -17.23
N LYS A 75 -14.58 5.85 -17.25
CA LYS A 75 -13.92 6.81 -18.13
C LYS A 75 -12.77 6.15 -18.85
N THR A 76 -12.50 6.63 -20.07
CA THR A 76 -11.31 6.21 -20.81
C THR A 76 -10.07 6.83 -20.18
N VAL A 77 -8.91 6.29 -20.53
CA VAL A 77 -7.67 6.85 -20.00
C VAL A 77 -7.50 8.30 -20.45
N GLN A 78 -7.90 8.61 -21.68
CA GLN A 78 -7.78 9.99 -22.16
C GLN A 78 -8.61 10.93 -21.29
N GLN A 79 -9.81 10.50 -20.91
CA GLN A 79 -10.65 11.30 -20.01
C GLN A 79 -10.05 11.41 -18.62
N LEU A 80 -9.51 10.30 -18.08
CA LEU A 80 -8.96 10.32 -16.73
C LEU A 80 -7.75 11.25 -16.64
N GLN A 81 -6.91 11.25 -17.68
CA GLN A 81 -5.69 12.06 -17.64
C GLN A 81 -5.98 13.55 -17.76
N GLN A 82 -7.22 13.93 -18.09
CA GLN A 82 -7.62 15.32 -18.05
C GLN A 82 -8.09 15.76 -16.67
N LEU A 83 -8.33 14.83 -15.74
CA LEU A 83 -8.79 15.19 -14.41
C LEU A 83 -7.63 15.61 -13.52
N ASN A 84 -7.89 16.59 -12.66
CA ASN A 84 -6.89 17.12 -11.73
C ASN A 84 -7.04 16.38 -10.41
N ALA A 85 -6.11 15.44 -10.13
CA ALA A 85 -6.10 14.66 -8.89
C ALA A 85 -5.55 15.44 -7.69
N GLY A 86 -5.25 16.72 -7.86
CA GLY A 86 -4.94 17.60 -6.76
C GLY A 86 -6.09 18.49 -6.36
N TRP A 87 -7.29 18.21 -6.87
CA TRP A 87 -8.41 19.14 -6.74
C TRP A 87 -8.74 19.43 -5.29
N ASN A 88 -8.63 18.43 -4.42
CA ASN A 88 -9.06 18.55 -3.02
C ASN A 88 -7.90 18.49 -2.03
N PHE A 89 -6.67 18.49 -2.51
CA PHE A 89 -5.52 18.44 -1.62
C PHE A 89 -5.44 19.72 -0.79
N THR A 90 -5.23 19.57 0.51
CA THR A 90 -4.96 20.72 1.36
C THR A 90 -3.67 20.52 2.13
N THR A 91 -2.97 21.64 2.39
CA THR A 91 -1.81 21.71 3.27
C THR A 91 -2.26 22.20 4.62
N PRO A 92 -1.89 21.54 5.72
CA PRO A 92 -2.41 21.93 7.03
C PRO A 92 -2.08 23.37 7.38
N GLY A 93 -3.00 24.02 8.08
CA GLY A 93 -2.84 25.41 8.45
C GLY A 93 -3.06 26.37 7.30
N VAL A 94 -2.70 25.94 6.09
CA VAL A 94 -2.85 26.76 4.90
C VAL A 94 -4.28 26.63 4.38
N GLU A 95 -4.85 27.75 3.94
CA GLU A 95 -6.21 27.77 3.42
C GLU A 95 -6.20 27.60 1.90
N GLY A 96 -7.27 27.01 1.39
CA GLY A 96 -7.41 26.84 -0.04
C GLY A 96 -6.92 25.49 -0.52
N HIS A 97 -6.93 25.35 -1.84
CA HIS A 97 -6.56 24.11 -2.53
C HIS A 97 -5.45 24.46 -3.51
N PRO A 98 -4.18 24.36 -3.10
CA PRO A 98 -3.09 24.93 -3.90
C PRO A 98 -2.90 24.27 -5.26
N TYR A 99 -3.43 23.07 -5.49
CA TYR A 99 -3.24 22.41 -6.77
C TYR A 99 -4.44 22.56 -7.71
N ARG A 100 -5.47 23.29 -7.31
CA ARG A 100 -6.52 23.62 -8.28
C ARG A 100 -5.99 24.51 -9.39
N GLN A 101 -4.95 25.30 -9.10
CA GLN A 101 -4.35 26.17 -10.10
C GLN A 101 -3.07 25.61 -10.68
N ARG A 102 -2.57 24.49 -10.16
CA ARG A 102 -1.37 23.83 -10.68
C ARG A 102 -1.69 22.33 -10.68
N ALA A 103 -2.39 21.89 -11.74
CA ALA A 103 -2.99 20.57 -11.74
C ALA A 103 -1.93 19.46 -11.64
N THR A 104 -2.27 18.43 -10.85
CA THR A 104 -1.53 17.18 -10.81
C THR A 104 -2.46 16.10 -11.36
N PRO A 105 -2.36 15.74 -12.63
CA PRO A 105 -3.36 14.84 -13.24
C PRO A 105 -3.23 13.41 -12.76
N ILE A 106 -4.28 12.64 -13.00
CA ILE A 106 -4.20 11.18 -12.81
C ILE A 106 -3.15 10.62 -13.76
N PRO A 107 -2.14 9.91 -13.26
CA PRO A 107 -1.14 9.29 -14.16
C PRO A 107 -1.47 7.84 -14.49
N THR A 108 -0.95 7.34 -15.60
CA THR A 108 -1.03 5.91 -15.83
C THR A 108 -0.01 5.20 -14.95
N LEU A 109 -0.25 3.90 -14.70
CA LEU A 109 0.75 3.09 -14.01
C LEU A 109 2.06 3.12 -14.77
N GLU A 110 2.00 3.08 -16.10
CA GLU A 110 3.21 3.10 -16.92
C GLU A 110 4.00 4.39 -16.70
N GLN A 111 3.32 5.54 -16.65
CA GLN A 111 3.99 6.80 -16.34
C GLN A 111 4.62 6.77 -14.96
N ALA A 112 3.88 6.23 -13.98
CA ALA A 112 4.38 6.14 -12.61
C ALA A 112 5.64 5.30 -12.54
N ILE A 113 5.64 4.14 -13.22
CA ILE A 113 6.83 3.29 -13.26
C ILE A 113 8.02 4.06 -13.81
N GLY A 114 7.80 4.81 -14.91
CA GLY A 114 8.87 5.59 -15.51
C GLY A 114 9.38 6.72 -14.64
N ALA A 115 8.57 7.19 -13.68
CA ALA A 115 8.96 8.26 -12.77
C ALA A 115 9.72 7.72 -11.57
N THR A 116 10.03 6.43 -11.53
CA THR A 116 10.78 5.87 -10.43
C THR A 116 12.11 5.32 -10.93
N PRO A 117 13.13 5.34 -10.10
CA PRO A 117 14.46 4.86 -10.54
C PRO A 117 14.49 3.34 -10.61
N PRO A 118 15.47 2.77 -11.33
CA PRO A 118 15.43 1.33 -11.64
C PRO A 118 15.59 0.44 -10.42
N ASP A 119 16.14 0.96 -9.32
CA ASP A 119 16.32 0.19 -8.11
C ASP A 119 15.08 0.17 -7.22
N MSE A 120 14.06 0.97 -7.52
CA MSE A 120 13.02 1.12 -6.51
C MSE A 120 11.89 0.11 -6.55
O MSE A 120 11.24 -0.10 -7.59
CB MSE A 120 12.45 2.53 -6.43
CG MSE A 120 11.61 2.72 -5.16
SE MSE A 120 11.12 4.46 -5.14
CE MSE A 120 12.85 5.21 -4.73
N THR A 121 11.67 -0.51 -5.39
CA THR A 121 10.61 -1.49 -5.26
C THR A 121 9.27 -0.76 -5.27
N LEU A 122 8.34 -1.28 -6.06
CA LEU A 122 6.98 -0.75 -6.16
C LEU A 122 6.04 -1.73 -5.48
N PHE A 123 5.18 -1.22 -4.62
CA PHE A 123 4.10 -2.00 -4.03
C PHE A 123 2.81 -1.49 -4.65
N LEU A 124 2.12 -2.36 -5.38
CA LEU A 124 0.95 -1.96 -6.17
C LEU A 124 -0.27 -2.53 -5.48
N ASP A 125 -1.08 -1.64 -4.91
CA ASP A 125 -2.27 -2.03 -4.16
C ASP A 125 -3.44 -2.07 -5.13
N LEU A 126 -3.98 -3.25 -5.38
CA LEU A 126 -5.05 -3.43 -6.34
C LEU A 126 -6.40 -3.62 -5.66
N GLN A 132 -10.89 -8.83 -12.45
N GLN A 132 -10.95 -8.96 -12.53
CA GLN A 132 -10.71 -8.75 -13.90
CA GLN A 132 -10.67 -8.79 -13.95
C GLN A 132 -11.52 -7.59 -14.45
C GLN A 132 -11.50 -7.62 -14.47
N PRO A 133 -10.95 -6.83 -15.40
CA PRO A 133 -9.64 -7.02 -16.05
C PRO A 133 -8.43 -6.32 -15.42
N LEU A 134 -8.59 -5.73 -14.24
CA LEU A 134 -7.49 -5.00 -13.61
C LEU A 134 -6.21 -5.84 -13.50
N VAL A 135 -6.34 -7.08 -13.01
CA VAL A 135 -5.15 -7.90 -12.75
C VAL A 135 -4.40 -8.18 -14.04
N SER A 136 -5.12 -8.59 -15.10
CA SER A 136 -4.48 -8.83 -16.39
C SER A 136 -3.86 -7.56 -16.96
N ALA A 137 -4.59 -6.44 -16.88
CA ALA A 137 -4.06 -5.19 -17.41
C ALA A 137 -2.78 -4.78 -16.69
N VAL A 138 -2.74 -4.98 -15.37
CA VAL A 138 -1.53 -4.66 -14.62
C VAL A 138 -0.39 -5.59 -15.01
N ALA A 139 -0.67 -6.89 -15.11
CA ALA A 139 0.35 -7.85 -15.52
C ALA A 139 0.94 -7.47 -16.87
N GLN A 140 0.10 -7.03 -17.82
CA GLN A 140 0.60 -6.69 -19.14
C GLN A 140 1.53 -5.48 -19.10
N VAL A 141 1.18 -4.45 -18.33
CA VAL A 141 2.08 -3.30 -18.18
C VAL A 141 3.39 -3.74 -17.54
N LEU A 142 3.32 -4.52 -16.47
CA LEU A 142 4.55 -4.93 -15.79
C LEU A 142 5.43 -5.76 -16.71
N THR A 143 4.83 -6.60 -17.54
CA THR A 143 5.59 -7.42 -18.48
C THR A 143 6.27 -6.55 -19.54
N ARG A 144 5.50 -5.66 -20.16
CA ARG A 144 6.01 -4.87 -21.27
C ARG A 144 7.06 -3.86 -20.81
N THR A 145 6.89 -3.29 -19.61
CA THR A 145 7.88 -2.34 -19.10
C THR A 145 9.09 -3.03 -18.49
N GLY A 146 9.01 -4.32 -18.18
CA GLY A 146 10.09 -5.00 -17.49
C GLY A 146 10.15 -4.70 -16.01
N ALA A 147 9.09 -4.13 -15.43
CA ALA A 147 9.08 -3.77 -14.03
C ALA A 147 8.53 -4.88 -13.14
N ALA A 148 8.14 -6.02 -13.70
CA ALA A 148 7.59 -7.08 -12.86
C ALA A 148 8.59 -7.52 -11.79
N GLY A 149 9.89 -7.47 -12.09
CA GLY A 149 10.90 -7.93 -11.16
C GLY A 149 11.10 -7.03 -9.96
N ARG A 150 10.59 -5.80 -9.99
CA ARG A 150 10.72 -4.89 -8.87
C ARG A 150 9.37 -4.47 -8.31
N SER A 151 8.30 -5.18 -8.67
CA SER A 151 6.95 -4.82 -8.24
C SER A 151 6.32 -5.94 -7.43
N ILE A 152 5.61 -5.56 -6.35
CA ILE A 152 4.93 -6.49 -5.45
C ILE A 152 3.45 -6.13 -5.48
N VAL A 153 2.60 -7.09 -5.88
CA VAL A 153 1.16 -6.87 -5.91
C VAL A 153 0.58 -7.14 -4.54
N TYR A 154 -0.19 -6.17 -4.02
CA TYR A 154 -0.87 -6.27 -2.74
C TYR A 154 -2.38 -6.10 -2.92
N SER A 155 -3.15 -6.77 -2.05
CA SER A 155 -4.57 -6.48 -1.92
C SER A 155 -5.05 -6.91 -0.54
N THR A 156 -6.05 -6.19 -0.01
CA THR A 156 -6.75 -6.73 1.16
C THR A 156 -7.66 -7.91 0.82
N ASN A 157 -7.92 -8.16 -0.46
CA ASN A 157 -8.95 -9.07 -0.93
C ASN A 157 -8.27 -10.35 -1.44
N ALA A 158 -8.60 -11.48 -0.80
CA ALA A 158 -7.97 -12.74 -1.16
C ALA A 158 -8.23 -13.13 -2.62
N ASP A 159 -9.37 -12.72 -3.18
CA ASP A 159 -9.65 -13.08 -4.57
C ASP A 159 -8.72 -12.37 -5.53
N ILE A 160 -8.33 -11.14 -5.21
CA ILE A 160 -7.37 -10.41 -6.03
C ILE A 160 -5.98 -11.02 -5.91
N THR A 161 -5.55 -11.33 -4.68
CA THR A 161 -4.27 -12.04 -4.48
C THR A 161 -4.22 -13.31 -5.31
N ALA A 162 -5.27 -14.13 -5.26
CA ALA A 162 -5.26 -15.40 -5.99
C ALA A 162 -5.19 -15.18 -7.50
N ALA A 163 -5.95 -14.21 -8.01
CA ALA A 163 -5.90 -13.90 -9.43
C ALA A 163 -4.52 -13.41 -9.84
N ALA A 164 -3.89 -12.56 -9.02
CA ALA A 164 -2.55 -12.09 -9.34
C ALA A 164 -1.56 -13.25 -9.42
N SER A 165 -1.70 -14.23 -8.51
CA SER A 165 -0.80 -15.38 -8.52
C SER A 165 -0.99 -16.28 -9.73
N ARG A 166 -2.11 -16.17 -10.44
CA ARG A 166 -2.28 -16.91 -11.69
C ARG A 166 -1.64 -16.23 -12.88
N GLN A 167 -1.13 -15.01 -12.74
CA GLN A 167 -0.46 -14.31 -13.84
C GLN A 167 1.02 -14.62 -13.83
N GLU A 168 1.53 -15.09 -14.96
CA GLU A 168 2.93 -15.46 -15.10
C GLU A 168 3.83 -14.26 -14.81
N GLY A 169 4.83 -14.48 -13.95
CA GLY A 169 5.85 -13.50 -13.69
C GLY A 169 5.53 -12.48 -12.61
N LEU A 170 4.31 -12.46 -12.07
CA LEU A 170 3.96 -11.46 -11.07
C LEU A 170 4.44 -11.90 -9.70
N GLN A 171 5.05 -10.97 -8.97
CA GLN A 171 5.36 -11.18 -7.56
C GLN A 171 4.18 -10.70 -6.72
N VAL A 172 3.70 -11.53 -5.81
CA VAL A 172 2.47 -11.26 -5.08
C VAL A 172 2.71 -11.35 -3.58
N ALA A 173 2.24 -10.34 -2.85
CA ALA A 173 2.31 -10.39 -1.39
C ALA A 173 1.40 -11.49 -0.85
N GLU A 174 1.74 -11.97 0.34
CA GLU A 174 0.86 -12.89 1.06
C GLU A 174 -0.53 -12.27 1.19
N SER A 175 -1.57 -13.10 1.07
CA SER A 175 -2.91 -12.59 1.24
C SER A 175 -3.12 -12.03 2.64
N ARG A 176 -3.94 -10.99 2.75
CA ARG A 176 -4.19 -10.41 4.07
C ARG A 176 -4.85 -11.41 5.00
N ASP A 177 -5.73 -12.27 4.48
CA ASP A 177 -6.36 -13.28 5.32
C ASP A 177 -5.32 -14.13 6.04
N VAL A 178 -4.27 -14.56 5.32
CA VAL A 178 -3.27 -15.43 5.93
C VAL A 178 -2.38 -14.65 6.90
N THR A 179 -1.92 -13.46 6.50
CA THR A 179 -1.14 -12.62 7.39
C THR A 179 -1.89 -12.35 8.70
N ARG A 180 -3.16 -11.96 8.59
CA ARG A 180 -3.95 -11.65 9.77
C ARG A 180 -4.12 -12.87 10.68
N GLN A 181 -4.37 -14.05 10.08
CA GLN A 181 -4.51 -15.28 10.84
C GLN A 181 -3.23 -15.58 11.63
N ARG A 182 -2.07 -15.46 10.97
CA ARG A 182 -0.82 -15.76 11.65
C ARG A 182 -0.55 -14.77 12.77
N LEU A 183 -0.83 -13.48 12.54
CA LEU A 183 -0.61 -12.48 13.57
C LEU A 183 -1.51 -12.70 14.77
N PHE A 184 -2.79 -13.02 14.52
CA PHE A 184 -3.70 -13.22 15.64
C PHE A 184 -3.44 -14.54 16.36
N ASN A 185 -3.02 -15.59 15.65
CA ASN A 185 -2.60 -16.80 16.35
C ASN A 185 -1.42 -16.51 17.26
N MSE A 186 -0.42 -15.78 16.76
CA MSE A 186 0.70 -15.44 17.63
C MSE A 186 0.27 -14.63 18.86
O MSE A 186 0.68 -14.94 19.98
CB MSE A 186 1.82 -14.75 16.85
CG MSE A 186 2.62 -15.70 15.98
SE MSE A 186 3.67 -16.93 17.08
CE MSE A 186 4.78 -15.62 18.00
N ALA A 187 -0.57 -13.62 18.65
CA ALA A 187 -0.96 -12.74 19.73
C ALA A 187 -1.83 -13.46 20.76
N LEU A 188 -2.70 -14.36 20.31
CA LEU A 188 -3.70 -14.92 21.20
C LEU A 188 -3.38 -16.32 21.73
N ASN A 189 -2.55 -17.09 21.02
CA ASN A 189 -2.19 -18.43 21.49
C ASN A 189 -0.72 -18.80 21.30
N HIS A 190 0.10 -17.88 20.78
CA HIS A 190 1.55 -18.03 20.71
C HIS A 190 2.00 -19.16 19.77
N HIS A 191 1.18 -19.51 18.78
CA HIS A 191 1.54 -20.48 17.76
C HIS A 191 1.80 -19.79 16.43
N CYS A 192 2.89 -20.21 15.77
CA CYS A 192 3.26 -19.67 14.47
C CYS A 192 2.55 -20.52 13.42
N ASP A 193 1.26 -20.19 13.21
CA ASP A 193 0.34 -20.99 12.43
C ASP A 193 -0.56 -20.01 11.67
N PRO A 194 -0.71 -20.17 10.35
CA PRO A 194 -0.06 -21.18 9.51
C PRO A 194 1.44 -20.92 9.37
N GLN A 195 2.17 -21.86 8.79
CA GLN A 195 3.60 -21.70 8.65
C GLN A 195 3.91 -20.52 7.73
N PRO A 196 5.09 -19.93 7.85
CA PRO A 196 5.47 -18.84 6.94
C PRO A 196 5.39 -19.29 5.49
N ASP A 197 5.15 -18.32 4.61
CA ASP A 197 5.11 -18.59 3.18
C ASP A 197 6.41 -18.07 2.59
N PRO A 198 7.34 -18.95 2.20
CA PRO A 198 8.72 -18.51 1.95
C PRO A 198 8.83 -17.39 0.92
N GLY A 199 9.64 -16.40 1.25
CA GLY A 199 10.00 -15.34 0.33
C GLY A 199 8.97 -14.24 0.17
N LYS A 200 7.80 -14.34 0.78
CA LYS A 200 6.71 -13.41 0.51
C LYS A 200 6.79 -12.17 1.38
N TRP A 201 6.32 -11.05 0.83
CA TRP A 201 6.01 -9.88 1.63
C TRP A 201 4.68 -10.06 2.36
N ALA A 202 4.63 -9.56 3.59
CA ALA A 202 3.39 -9.47 4.36
C ALA A 202 3.37 -8.11 5.04
N GLY A 203 2.18 -7.57 5.28
CA GLY A 203 2.05 -6.29 5.93
C GLY A 203 0.80 -6.21 6.79
N PHE A 204 0.85 -5.32 7.78
CA PHE A 204 -0.31 -5.06 8.63
C PHE A 204 -0.03 -3.80 9.43
N GLU A 205 -1.11 -3.11 9.81
CA GLU A 205 -1.03 -1.92 10.64
C GLU A 205 -0.36 -2.22 11.98
N LEU A 206 0.38 -1.22 12.50
CA LEU A 206 0.94 -1.33 13.85
C LEU A 206 -0.15 -1.27 14.92
N HIS A 207 -1.26 -0.58 14.64
CA HIS A 207 -2.41 -0.49 15.52
C HIS A 207 -3.65 -0.68 14.66
N ARG A 208 -4.53 -1.58 15.07
CA ARG A 208 -5.70 -1.92 14.25
C ARG A 208 -6.91 -2.13 15.14
N ASP A 209 -7.98 -1.38 14.88
CA ASP A 209 -9.25 -1.64 15.57
C ASP A 209 -9.87 -2.92 15.02
N VAL A 210 -10.22 -3.84 15.92
CA VAL A 210 -10.92 -5.06 15.55
C VAL A 210 -12.07 -5.28 16.51
N THR A 211 -12.96 -6.21 16.15
CA THR A 211 -13.94 -6.68 17.10
C THR A 211 -13.72 -8.17 17.33
N VAL A 212 -13.85 -8.58 18.59
CA VAL A 212 -13.71 -9.98 18.98
C VAL A 212 -15.07 -10.47 19.42
N THR A 213 -15.51 -11.59 18.86
CA THR A 213 -16.83 -12.14 19.17
C THR A 213 -16.68 -13.56 19.71
N GLU A 214 -17.35 -13.85 20.82
CA GLU A 214 -17.52 -15.21 21.32
C GLU A 214 -18.99 -15.57 21.28
N GLU A 215 -19.29 -16.85 21.05
CA GLU A 215 -20.66 -17.33 20.92
C GLU A 215 -21.07 -18.12 22.15
N PHE A 216 -22.31 -17.91 22.60
CA PHE A 216 -22.90 -18.65 23.70
C PHE A 216 -24.00 -19.57 23.17
N THR A 217 -24.62 -20.32 24.10
CA THR A 217 -25.78 -21.12 23.74
C THR A 217 -26.83 -20.26 23.04
N LEU A 218 -27.21 -19.17 23.70
CA LEU A 218 -28.08 -18.15 23.12
C LEU A 218 -27.32 -16.83 23.17
N GLY A 219 -27.15 -16.20 22.02
CA GLY A 219 -26.50 -14.90 21.97
C GLY A 219 -25.00 -15.00 21.85
N SER A 220 -24.36 -13.84 22.03
CA SER A 220 -22.93 -13.73 21.85
C SER A 220 -22.41 -12.60 22.71
N GLY A 221 -21.09 -12.52 22.79
CA GLY A 221 -20.42 -11.41 23.46
C GLY A 221 -19.39 -10.80 22.53
N ILE A 222 -19.35 -9.47 22.51
CA ILE A 222 -18.49 -8.74 21.57
C ILE A 222 -17.65 -7.74 22.35
N SER A 223 -16.38 -7.62 21.96
CA SER A 223 -15.48 -6.61 22.51
C SER A 223 -14.78 -5.88 21.36
N ALA A 224 -14.78 -4.56 21.43
CA ALA A 224 -13.99 -3.73 20.53
C ALA A 224 -12.60 -3.56 21.14
N VAL A 225 -11.56 -3.87 20.37
CA VAL A 225 -10.20 -3.88 20.90
C VAL A 225 -9.25 -3.35 19.84
N ASN A 226 -8.27 -2.55 20.26
CA ASN A 226 -7.21 -2.14 19.37
C ASN A 226 -6.05 -3.13 19.49
N ALA A 227 -5.66 -3.72 18.37
CA ALA A 227 -4.64 -4.76 18.34
C ALA A 227 -3.31 -4.20 17.87
N GLU A 228 -2.26 -4.48 18.64
CA GLU A 228 -0.88 -4.15 18.27
C GLU A 228 -0.15 -5.49 18.03
N LEU A 229 -0.09 -5.91 16.77
CA LEU A 229 0.23 -7.30 16.45
C LEU A 229 1.69 -7.55 16.13
N TRP A 230 2.47 -6.51 15.85
CA TRP A 230 3.88 -6.68 15.52
C TRP A 230 4.70 -6.50 16.78
N ASP A 231 5.43 -7.54 17.17
CA ASP A 231 6.40 -7.51 18.26
C ASP A 231 7.56 -8.42 17.86
N GLU A 232 8.57 -8.51 18.73
CA GLU A 232 9.73 -9.34 18.39
C GLU A 232 9.31 -10.77 18.08
N ALA A 233 8.37 -11.32 18.85
CA ALA A 233 7.98 -12.71 18.66
C ALA A 233 7.26 -12.93 17.33
N SER A 234 6.34 -12.03 16.97
CA SER A 234 5.62 -12.25 15.73
C SER A 234 6.48 -11.96 14.51
N VAL A 235 7.40 -10.99 14.59
CA VAL A 235 8.34 -10.78 13.48
C VAL A 235 9.17 -12.03 13.27
N ASP A 236 9.71 -12.60 14.36
CA ASP A 236 10.51 -13.82 14.25
C ASP A 236 9.70 -14.97 13.67
N CYS A 237 8.44 -15.11 14.08
CA CYS A 237 7.58 -16.14 13.50
C CYS A 237 7.49 -15.99 11.98
N PHE A 238 7.27 -14.77 11.49
CA PHE A 238 7.16 -14.56 10.05
C PHE A 238 8.48 -14.83 9.33
N ARG A 239 9.59 -14.39 9.91
CA ARG A 239 10.83 -14.26 9.14
C ARG A 239 11.83 -15.38 9.33
N SER A 240 11.78 -16.12 10.43
CA SER A 240 12.85 -17.04 10.74
C SER A 240 12.86 -18.20 9.76
N GLN A 241 13.99 -18.38 9.07
CA GLN A 241 14.21 -19.48 8.13
C GLN A 241 13.22 -19.49 6.98
N SER A 242 12.60 -18.34 6.68
CA SER A 242 11.59 -18.29 5.64
C SER A 242 11.88 -17.30 4.53
N GLY A 243 12.72 -16.30 4.76
CA GLY A 243 12.87 -15.27 3.76
C GLY A 243 11.69 -14.33 3.62
N MSE A 244 10.67 -14.43 4.46
CA MSE A 244 9.57 -13.46 4.43
C MSE A 244 10.09 -12.07 4.77
O MSE A 244 11.05 -11.90 5.53
CB MSE A 244 8.47 -13.81 5.43
CG MSE A 244 7.66 -15.06 5.09
SE MSE A 244 5.91 -15.09 5.99
CE MSE A 244 4.88 -14.04 4.73
N LYS A 245 9.43 -11.05 4.21
CA LYS A 245 9.69 -9.67 4.52
C LYS A 245 8.39 -9.06 5.05
N VAL A 246 8.50 -8.23 6.09
CA VAL A 246 7.32 -7.73 6.79
C VAL A 246 7.31 -6.21 6.82
N MSE A 247 6.15 -5.64 6.52
CA MSE A 247 5.96 -4.19 6.52
C MSE A 247 4.93 -3.76 7.55
O MSE A 247 3.85 -4.37 7.66
CB MSE A 247 5.51 -3.71 5.13
CG MSE A 247 5.37 -2.18 5.01
SE MSE A 247 4.80 -1.62 3.23
CE MSE A 247 6.06 -2.65 2.16
N GLY A 248 5.26 -2.71 8.29
CA GLY A 248 4.28 -2.10 9.18
C GLY A 248 3.49 -1.05 8.44
N PHE A 249 2.15 -1.15 8.44
CA PHE A 249 1.31 -0.16 7.80
C PHE A 249 0.99 0.96 8.80
N ALA A 250 0.62 2.12 8.25
CA ALA A 250 0.14 3.25 9.07
C ALA A 250 1.15 3.66 10.14
N VAL A 251 2.41 3.81 9.73
CA VAL A 251 3.48 4.25 10.60
C VAL A 251 3.50 5.78 10.54
N LYS A 252 3.06 6.42 11.63
CA LYS A 252 2.82 7.86 11.65
C LYS A 252 3.73 8.62 12.60
N THR A 253 3.95 8.12 13.80
CA THR A 253 4.68 8.85 14.83
C THR A 253 6.10 8.33 14.95
N VAL A 254 6.96 9.15 15.56
CA VAL A 254 8.30 8.67 15.86
C VAL A 254 8.24 7.45 16.76
N ASP A 255 7.23 7.35 17.61
CA ASP A 255 7.08 6.17 18.45
C ASP A 255 6.79 4.93 17.61
N ASP A 256 5.96 5.09 16.58
CA ASP A 256 5.74 4.00 15.63
C ASP A 256 7.05 3.59 14.98
N TYR A 257 7.83 4.57 14.50
CA TYR A 257 9.11 4.24 13.87
C TYR A 257 10.05 3.52 14.84
N ARG A 258 10.13 3.99 16.09
CA ARG A 258 11.01 3.35 17.06
C ARG A 258 10.61 1.90 17.30
N LEU A 259 9.31 1.63 17.39
CA LEU A 259 8.87 0.25 17.55
C LEU A 259 9.29 -0.61 16.36
N ALA A 260 9.01 -0.12 15.14
CA ALA A 260 9.36 -0.87 13.93
C ALA A 260 10.85 -1.15 13.86
N HIS A 261 11.66 -0.15 14.22
CA HIS A 261 13.11 -0.30 14.20
C HIS A 261 13.56 -1.34 15.24
N LYS A 262 13.03 -1.24 16.46
CA LYS A 262 13.44 -2.12 17.54
C LYS A 262 13.13 -3.58 17.20
N ILE A 263 11.97 -3.83 16.62
CA ILE A 263 11.58 -5.20 16.32
C ILE A 263 12.06 -5.69 14.96
N GLY A 264 12.67 -4.83 14.16
CA GLY A 264 13.25 -5.27 12.91
C GLY A 264 12.29 -5.46 11.75
N LEU A 265 11.23 -4.66 11.67
CA LEU A 265 10.41 -4.69 10.46
C LEU A 265 11.26 -4.33 9.26
N ASP A 266 11.03 -5.03 8.14
CA ASP A 266 11.77 -4.76 6.92
C ASP A 266 11.42 -3.40 6.34
N ALA A 267 10.20 -2.92 6.58
CA ALA A 267 9.72 -1.70 5.94
C ALA A 267 8.64 -1.06 6.81
N VAL A 268 8.51 0.26 6.65
CA VAL A 268 7.42 1.02 7.24
C VAL A 268 6.73 1.84 6.16
N LEU A 269 5.41 1.91 6.22
CA LEU A 269 4.59 2.58 5.22
C LEU A 269 4.16 3.93 5.78
N VAL A 270 4.65 5.02 5.17
CA VAL A 270 4.56 6.37 5.74
C VAL A 270 3.80 7.32 4.82
N ASP A 271 2.94 8.16 5.42
CA ASP A 271 2.24 9.17 4.65
C ASP A 271 3.11 10.38 4.33
N SER A 272 4.16 10.61 5.10
CA SER A 272 5.02 11.78 4.88
C SER A 272 6.48 11.36 4.75
N PRO A 273 6.95 11.11 3.54
CA PRO A 273 8.39 10.92 3.32
C PRO A 273 9.24 12.06 3.89
N LEU A 274 8.72 13.30 3.87
CA LEU A 274 9.50 14.41 4.42
C LEU A 274 9.68 14.26 5.93
N ALA A 275 8.63 13.90 6.66
CA ALA A 275 8.77 13.66 8.09
C ALA A 275 9.67 12.46 8.35
N ALA A 276 9.58 11.43 7.52
CA ALA A 276 10.36 10.22 7.73
C ALA A 276 11.85 10.46 7.54
N GLN A 277 12.22 11.42 6.69
CA GLN A 277 13.63 11.82 6.56
C GLN A 277 14.25 12.12 7.91
N GLN A 278 13.49 12.77 8.80
CA GLN A 278 14.02 13.14 10.11
C GLN A 278 14.29 11.93 11.00
N TRP A 279 13.71 10.78 10.68
CA TRP A 279 13.93 9.58 11.48
C TRP A 279 15.26 8.92 11.17
N ARG A 280 15.93 9.35 10.11
CA ARG A 280 17.18 8.74 9.69
C ARG A 280 18.38 9.66 9.89
N HIS A 281 18.20 10.78 10.60
CA HIS A 281 19.34 11.62 11.03
C HIS A 281 18.97 12.39 12.29
CA CA B . 15.11 -1.86 -4.32
C1 GOL C . -2.03 0.21 3.65
O1 GOL C . -2.13 1.50 4.20
C2 GOL C . -2.89 0.20 2.41
O2 GOL C . -3.49 1.48 2.29
C3 GOL C . -3.99 -0.83 2.65
O3 GOL C . -4.97 -0.22 3.46
#